data_5HWQ
#
_entry.id   5HWQ
#
_cell.length_a   73.514
_cell.length_b   73.514
_cell.length_c   277.552
_cell.angle_alpha   90.000
_cell.angle_beta   90.000
_cell.angle_gamma   120.000
#
_symmetry.space_group_name_H-M   'P 61 2 2'
#
loop_
_entity.id
_entity.type
_entity.pdbx_description
1 polymer 'Hydroxymethylglutaryl-CoA synthase'
2 non-polymer 'ACETOACETYL-COENZYME A'
3 non-polymer GLYCEROL
4 non-polymer 'SULFATE ION'
5 water water
#
_entity_poly.entity_id   1
_entity_poly.type   'polypeptide(L)'
_entity_poly.pdbx_seq_one_letter_code
;MKKRVGIEALAVAVPSRYVDIEDLARARGVDPAKYTAGLGAREMAVTDPGEDTVALAATAAARLIRQQDVDPSRIGMLVV
GTETGIDHSKPVASHVQGLLKLPRTMRTYDTQHA(CSO)YGGTAGLMAAVEWIASGAGAGKVAVVVCSDIARYGLNTAGE
PTQGGGAVALLVSEQPDLLAMDVGLNGVCSMDVYDFWRPVGRREALVDGHYSITCYLEALSGAYRGWREKALAAGLVRWS
DALPGEQLARIAYHVPFCKMARKAHTQLRLCDLEDAADAAASTPESREAQAKSAASYDAQVATSLGLNSRIGNVYTASLY
LALAGLLQHEAGALAGQRIGLLSYGSGCAAEFYSGTVGEKAAERMAKADLEAVLARRERVSIEEYERLMKLPADAPEAVA
PSPGAFRLTEIRDHRRQYAEGN
;
_entity_poly.pdbx_strand_id   A
#
loop_
_chem_comp.id
_chem_comp.type
_chem_comp.name
_chem_comp.formula
CAA non-polymer 'ACETOACETYL-COENZYME A' 'C25 H40 N7 O18 P3 S'
GOL non-polymer GLYCEROL 'C3 H8 O3'
SO4 non-polymer 'SULFATE ION' 'O4 S -2'
#
# COMPACT_ATOMS: atom_id res chain seq x y z
N MET A 1 -4.18 14.39 -28.22
CA MET A 1 -5.61 14.19 -28.05
C MET A 1 -5.88 12.95 -27.20
N LYS A 2 -4.82 12.18 -26.90
CA LYS A 2 -4.92 11.00 -26.06
C LYS A 2 -4.76 11.42 -24.62
N LYS A 3 -5.86 11.51 -23.89
CA LYS A 3 -5.84 11.90 -22.49
C LYS A 3 -5.47 10.71 -21.61
N ARG A 4 -4.70 10.98 -20.57
CA ARG A 4 -4.24 9.97 -19.63
C ARG A 4 -4.48 10.48 -18.22
N VAL A 5 -4.58 9.55 -17.28
CA VAL A 5 -4.76 9.87 -15.87
C VAL A 5 -4.20 8.73 -15.05
N GLY A 6 -3.62 9.05 -13.90
CA GLY A 6 -3.08 8.02 -13.04
C GLY A 6 -2.04 8.58 -12.09
N ILE A 7 -1.12 7.70 -11.69
CA ILE A 7 -0.08 8.04 -10.73
C ILE A 7 1.10 8.65 -11.47
N GLU A 8 1.44 9.89 -11.12
CA GLU A 8 2.59 10.59 -11.69
C GLU A 8 3.89 10.28 -10.95
N ALA A 9 3.85 10.12 -9.63
CA ALA A 9 5.03 9.92 -8.81
C ALA A 9 4.58 9.45 -7.44
N LEU A 10 5.54 9.00 -6.64
CA LEU A 10 5.25 8.62 -5.26
C LEU A 10 6.45 8.94 -4.37
N ALA A 11 6.17 9.01 -3.07
CA ALA A 11 7.20 9.15 -2.05
C ALA A 11 6.86 8.26 -0.87
N VAL A 12 7.88 7.85 -0.13
CA VAL A 12 7.75 6.93 0.99
C VAL A 12 8.32 7.55 2.25
N ALA A 13 7.62 7.35 3.37
CA ALA A 13 8.15 7.63 4.69
C ALA A 13 8.05 6.37 5.54
N VAL A 14 9.08 6.12 6.35
CA VAL A 14 9.11 4.97 7.25
C VAL A 14 9.45 5.42 8.66
N PRO A 15 9.04 4.65 9.68
CA PRO A 15 9.45 4.98 11.05
C PRO A 15 10.97 4.95 11.20
N SER A 16 11.45 5.61 12.24
CA SER A 16 12.89 5.76 12.43
C SER A 16 13.57 4.48 12.90
N ARG A 17 12.82 3.51 13.43
CA ARG A 17 13.38 2.32 14.03
C ARG A 17 12.81 1.06 13.37
N TYR A 18 13.59 -0.04 13.44
CA TYR A 18 13.09 -1.34 13.04
C TYR A 18 13.74 -2.41 13.91
N VAL A 19 13.17 -3.61 13.89
CA VAL A 19 13.80 -4.77 14.51
C VAL A 19 14.08 -5.83 13.47
N ASP A 20 15.11 -6.63 13.74
CA ASP A 20 15.37 -7.82 12.94
C ASP A 20 14.32 -8.88 13.28
N ILE A 21 13.70 -9.46 12.26
CA ILE A 21 12.58 -10.37 12.49
C ILE A 21 13.05 -11.64 13.18
N GLU A 22 14.28 -12.07 12.94
CA GLU A 22 14.79 -13.25 13.65
C GLU A 22 14.97 -12.96 15.14
N ASP A 23 15.31 -11.72 15.51
CA ASP A 23 15.31 -11.36 16.93
C ASP A 23 13.94 -11.53 17.54
N LEU A 24 12.89 -11.12 16.81
CA LEU A 24 11.54 -11.27 17.32
C LEU A 24 11.20 -12.74 17.53
N ALA A 25 11.53 -13.59 16.56
CA ALA A 25 11.26 -15.02 16.69
C ALA A 25 11.88 -15.56 17.96
N ARG A 26 13.17 -15.28 18.17
CA ARG A 26 13.87 -15.81 19.34
C ARG A 26 13.24 -15.30 20.63
N ALA A 27 12.83 -14.04 20.66
CA ALA A 27 12.16 -13.50 21.85
C ALA A 27 10.83 -14.18 22.11
N ARG A 28 10.19 -14.74 21.08
CA ARG A 28 8.89 -15.38 21.19
C ARG A 28 8.97 -16.90 21.27
N GLY A 29 10.18 -17.47 21.29
CA GLY A 29 10.31 -18.92 21.29
C GLY A 29 9.88 -19.55 19.99
N VAL A 30 9.97 -18.82 18.89
CA VAL A 30 9.54 -19.27 17.57
C VAL A 30 10.78 -19.55 16.72
N ASP A 31 10.70 -20.60 15.91
CA ASP A 31 11.73 -20.87 14.92
C ASP A 31 11.86 -19.67 13.98
N PRO A 32 13.03 -19.05 13.88
CA PRO A 32 13.13 -17.87 13.00
C PRO A 32 12.74 -18.16 11.56
N ALA A 33 12.91 -19.40 11.10
CA ALA A 33 12.52 -19.73 9.74
C ALA A 33 11.02 -19.59 9.51
N LYS A 34 10.19 -19.71 10.55
CA LYS A 34 8.78 -19.44 10.37
C LYS A 34 8.57 -18.04 9.81
N TYR A 35 9.34 -17.08 10.32
CA TYR A 35 9.18 -15.69 9.90
C TYR A 35 9.91 -15.41 8.59
N THR A 36 11.15 -15.92 8.43
CA THR A 36 11.92 -15.55 7.24
C THR A 36 11.49 -16.35 6.02
N ALA A 37 11.24 -17.64 6.19
CA ALA A 37 10.78 -18.48 5.08
C ALA A 37 9.26 -18.57 5.03
N GLY A 38 8.64 -18.82 6.19
CA GLY A 38 7.19 -19.01 6.22
C GLY A 38 6.43 -17.75 5.85
N LEU A 39 6.87 -16.61 6.36
CA LEU A 39 6.18 -15.35 6.08
C LEU A 39 6.91 -14.50 5.06
N GLY A 40 8.22 -14.67 4.88
CA GLY A 40 8.98 -13.85 3.95
C GLY A 40 9.50 -12.55 4.53
N ALA A 41 9.49 -12.40 5.84
CA ALA A 41 9.87 -11.16 6.50
C ALA A 41 11.37 -11.09 6.71
N ARG A 42 11.90 -9.85 6.72
CA ARG A 42 13.30 -9.61 7.07
C ARG A 42 13.44 -8.62 8.22
N GLU A 43 12.86 -7.43 8.09
CA GLU A 43 12.89 -6.40 9.11
CA GLU A 43 12.89 -6.41 9.12
C GLU A 43 11.48 -5.87 9.32
N MET A 44 11.16 -5.50 10.56
CA MET A 44 9.85 -5.00 10.94
C MET A 44 9.98 -3.59 11.48
N ALA A 45 9.32 -2.64 10.82
CA ALA A 45 9.25 -1.29 11.37
C ALA A 45 8.54 -1.30 12.73
N VAL A 46 9.08 -0.53 13.66
CA VAL A 46 8.45 -0.32 14.95
C VAL A 46 8.37 1.18 15.16
N THR A 47 7.39 1.62 15.96
CA THR A 47 7.15 3.04 16.17
C THR A 47 7.19 3.39 17.65
N ASP A 48 7.35 4.68 17.91
CA ASP A 48 6.96 5.27 19.16
C ASP A 48 5.81 6.25 18.90
N PRO A 49 5.15 6.73 19.96
CA PRO A 49 3.92 7.53 19.75
C PRO A 49 4.14 8.80 18.94
N GLY A 50 5.37 9.32 18.86
CA GLY A 50 5.63 10.48 18.03
C GLY A 50 5.48 10.21 16.54
N GLU A 51 5.57 8.95 16.14
CA GLU A 51 5.37 8.57 14.74
C GLU A 51 3.93 8.09 14.56
N ASP A 52 3.03 9.06 14.61
CA ASP A 52 1.62 8.76 14.46
C ASP A 52 1.23 8.85 12.99
N THR A 53 -0.05 8.61 12.72
CA THR A 53 -0.54 8.57 11.35
C THR A 53 -0.29 9.90 10.64
N VAL A 54 -0.51 11.00 11.35
CA VAL A 54 -0.30 12.34 10.79
C VAL A 54 1.17 12.56 10.47
N ALA A 55 2.05 12.28 11.43
CA ALA A 55 3.46 12.54 11.22
C ALA A 55 3.98 11.78 10.01
N LEU A 56 3.60 10.49 9.88
CA LEU A 56 4.08 9.70 8.75
C LEU A 56 3.48 10.21 7.44
N ALA A 57 2.20 10.53 7.44
CA ALA A 57 1.55 11.03 6.23
C ALA A 57 2.17 12.34 5.78
N ALA A 58 2.39 13.26 6.74
CA ALA A 58 2.94 14.56 6.40
C ALA A 58 4.38 14.44 5.92
N THR A 59 5.15 13.54 6.54
CA THR A 59 6.52 13.32 6.09
C THR A 59 6.53 12.85 4.63
N ALA A 60 5.68 11.88 4.30
CA ALA A 60 5.66 11.36 2.94
C ALA A 60 5.16 12.41 1.95
N ALA A 61 4.12 13.15 2.31
CA ALA A 61 3.56 14.14 1.39
C ALA A 61 4.53 15.31 1.17
N ALA A 62 5.17 15.78 2.24
CA ALA A 62 6.16 16.84 2.08
C ALA A 62 7.33 16.38 1.22
N ARG A 63 7.73 15.12 1.38
CA ARG A 63 8.83 14.56 0.60
C ARG A 63 8.45 14.48 -0.87
N LEU A 64 7.22 14.03 -1.17
CA LEU A 64 6.71 14.05 -2.54
C LEU A 64 6.81 15.43 -3.15
N ILE A 65 6.32 16.44 -2.44
CA ILE A 65 6.29 17.79 -2.99
C ILE A 65 7.70 18.29 -3.28
N ARG A 66 8.64 18.02 -2.36
CA ARG A 66 10.01 18.49 -2.53
C ARG A 66 10.72 17.70 -3.63
N GLN A 67 10.64 16.38 -3.58
CA GLN A 67 11.37 15.54 -4.53
C GLN A 67 10.86 15.75 -5.96
N GLN A 68 9.56 15.97 -6.13
CA GLN A 68 8.97 16.08 -7.46
C GLN A 68 8.69 17.53 -7.85
N ASP A 69 9.09 18.48 -7.02
CA ASP A 69 8.87 19.91 -7.29
C ASP A 69 7.42 20.18 -7.67
N VAL A 70 6.51 19.70 -6.82
CA VAL A 70 5.08 19.95 -7.01
C VAL A 70 4.76 21.39 -6.65
N ASP A 71 3.97 22.04 -7.49
CA ASP A 71 3.43 23.36 -7.17
C ASP A 71 2.24 23.16 -6.21
N PRO A 72 2.38 23.54 -4.93
CA PRO A 72 1.30 23.22 -3.98
C PRO A 72 -0.04 23.80 -4.37
N SER A 73 -0.06 24.92 -5.07
CA SER A 73 -1.32 25.55 -5.42
C SER A 73 -2.04 24.84 -6.55
N ARG A 74 -1.41 23.83 -7.16
CA ARG A 74 -2.08 23.00 -8.17
CA ARG A 74 -2.08 23.01 -8.17
C ARG A 74 -2.78 21.80 -7.56
N ILE A 75 -2.62 21.57 -6.26
CA ILE A 75 -3.28 20.44 -5.59
C ILE A 75 -4.74 20.81 -5.36
N GLY A 76 -5.66 20.05 -5.97
CA GLY A 76 -7.07 20.27 -5.80
C GLY A 76 -7.77 19.26 -4.91
N MET A 77 -7.03 18.21 -4.54
CA MET A 77 -7.55 17.16 -3.67
CA MET A 77 -7.56 17.17 -3.66
C MET A 77 -6.41 16.61 -2.84
N LEU A 78 -6.62 16.50 -1.53
CA LEU A 78 -5.68 15.88 -0.60
C LEU A 78 -6.49 14.87 0.21
N VAL A 79 -6.24 13.59 -0.05
CA VAL A 79 -6.98 12.51 0.59
C VAL A 79 -5.99 11.60 1.31
N VAL A 80 -6.34 11.20 2.53
CA VAL A 80 -5.54 10.25 3.28
C VAL A 80 -6.36 8.99 3.48
N GLY A 81 -5.85 7.88 2.94
CA GLY A 81 -6.42 6.57 3.23
C GLY A 81 -5.72 6.02 4.45
N THR A 82 -6.51 5.65 5.46
CA THR A 82 -5.93 5.15 6.69
C THR A 82 -6.97 4.33 7.44
N GLU A 83 -6.49 3.39 8.24
CA GLU A 83 -7.30 2.77 9.26
C GLU A 83 -6.71 3.03 10.64
N THR A 84 -5.85 4.05 10.72
CA THR A 84 -5.21 4.45 11.97
C THR A 84 -5.58 5.90 12.25
N GLY A 85 -6.87 6.21 12.14
CA GLY A 85 -7.33 7.56 12.37
C GLY A 85 -7.14 8.00 13.80
N ILE A 86 -7.05 9.32 13.98
CA ILE A 86 -6.74 9.89 15.29
C ILE A 86 -7.81 10.86 15.78
N ASP A 87 -8.90 11.02 15.03
CA ASP A 87 -10.05 11.81 15.44
C ASP A 87 -11.26 11.26 14.73
N HIS A 88 -12.41 11.29 15.41
CA HIS A 88 -13.65 10.85 14.78
C HIS A 88 -14.11 11.82 13.69
N SER A 89 -13.74 13.09 13.81
CA SER A 89 -14.23 14.13 12.93
CA SER A 89 -14.24 14.12 12.91
C SER A 89 -13.13 14.77 12.10
N LYS A 90 -12.07 15.19 12.75
CA LYS A 90 -11.01 15.94 12.06
C LYS A 90 -10.13 14.97 11.31
N PRO A 91 -10.01 15.09 9.99
CA PRO A 91 -9.29 14.07 9.23
C PRO A 91 -7.78 14.30 9.25
N VAL A 92 -7.04 13.20 9.12
CA VAL A 92 -5.59 13.29 8.96
C VAL A 92 -5.24 14.26 7.84
N ALA A 93 -6.03 14.24 6.76
CA ALA A 93 -5.77 15.12 5.63
C ALA A 93 -5.74 16.60 6.05
N SER A 94 -6.58 17.01 6.99
CA SER A 94 -6.55 18.41 7.41
C SER A 94 -5.27 18.73 8.18
N HIS A 95 -4.82 17.82 9.04
CA HIS A 95 -3.54 18.03 9.71
C HIS A 95 -2.40 18.11 8.71
N VAL A 96 -2.40 17.23 7.71
CA VAL A 96 -1.33 17.24 6.71
C VAL A 96 -1.33 18.56 5.96
N GLN A 97 -2.51 19.05 5.58
CA GLN A 97 -2.61 20.34 4.91
C GLN A 97 -1.96 21.44 5.73
N GLY A 98 -2.24 21.48 7.03
CA GLY A 98 -1.68 22.52 7.87
C GLY A 98 -0.18 22.37 8.06
N LEU A 99 0.28 21.15 8.33
CA LEU A 99 1.71 20.95 8.56
C LEU A 99 2.53 21.32 7.33
N LEU A 100 2.01 21.04 6.15
CA LEU A 100 2.67 21.36 4.90
C LEU A 100 2.41 22.79 4.44
N LYS A 101 1.62 23.55 5.19
CA LYS A 101 1.32 24.93 4.82
C LYS A 101 0.74 25.03 3.41
N LEU A 102 -0.13 24.08 3.08
CA LEU A 102 -0.75 24.07 1.77
C LEU A 102 -1.86 25.11 1.67
N PRO A 103 -2.12 25.61 0.47
CA PRO A 103 -3.19 26.61 0.30
C PRO A 103 -4.58 25.99 0.35
N ARG A 104 -5.60 26.79 0.06
CA ARG A 104 -6.97 26.48 0.47
C ARG A 104 -7.84 25.84 -0.60
N THR A 105 -7.46 25.89 -1.87
CA THR A 105 -8.35 25.47 -2.95
CA THR A 105 -8.34 25.47 -2.95
C THR A 105 -8.17 23.98 -3.22
N MET A 106 -8.55 23.17 -2.23
CA MET A 106 -8.53 21.72 -2.36
C MET A 106 -9.57 21.09 -1.45
N ARG A 107 -10.16 19.99 -1.93
CA ARG A 107 -10.88 19.08 -1.05
C ARG A 107 -9.88 18.39 -0.12
N THR A 108 -10.28 18.21 1.13
CA THR A 108 -9.52 17.39 2.07
C THR A 108 -10.47 16.42 2.75
N TYR A 109 -10.07 15.16 2.86
CA TYR A 109 -10.83 14.18 3.62
C TYR A 109 -10.02 12.89 3.72
N ASP A 110 -10.47 12.01 4.61
CA ASP A 110 -9.90 10.68 4.77
C ASP A 110 -10.88 9.64 4.22
N THR A 111 -10.33 8.54 3.72
CA THR A 111 -11.09 7.39 3.27
C THR A 111 -10.76 6.18 4.12
N GLN A 112 -11.78 5.38 4.41
CA GLN A 112 -11.63 4.24 5.32
C GLN A 112 -12.28 2.99 4.75
N HIS A 113 -11.46 1.97 4.53
CA HIS A 113 -11.91 0.59 4.49
C HIS A 113 -10.69 -0.29 4.68
N ALA A 114 -10.25 -0.44 5.93
CA ALA A 114 -9.07 -1.23 6.22
C ALA A 114 -7.95 -0.93 5.22
N CSO A 115 -7.35 -1.95 4.64
CA CSO A 115 -6.21 -1.73 3.74
CB CSO A 115 -5.33 -2.99 3.66
SG CSO A 115 -5.04 -3.69 5.30
C CSO A 115 -6.61 -1.32 2.32
O CSO A 115 -5.74 -1.08 1.48
OD CSO A 115 -6.42 -4.71 5.77
H2 CSO A 115 -8.08 -1.37 4.48
H CSO A 115 -7.06 -1.85 5.55
HA CSO A 115 -5.66 -1.01 4.10
HB2 CSO A 115 -4.48 -2.76 3.26
HB3 CSO A 115 -5.78 -3.66 3.12
HD CSO A 115 -6.27 -5.09 6.64
N TYR A 116 -7.91 -1.17 2.07
CA TYR A 116 -8.41 -0.71 0.77
C TYR A 116 -8.59 0.83 0.72
N GLY A 117 -8.50 1.48 1.88
CA GLY A 117 -8.83 2.91 1.94
C GLY A 117 -7.99 3.79 1.04
N GLY A 118 -6.71 3.46 0.87
CA GLY A 118 -5.87 4.24 -0.02
C GLY A 118 -6.32 4.12 -1.47
N THR A 119 -6.57 2.90 -1.93
CA THR A 119 -7.06 2.68 -3.28
C THR A 119 -8.38 3.40 -3.52
N ALA A 120 -9.29 3.37 -2.54
CA ALA A 120 -10.55 4.10 -2.68
C ALA A 120 -10.31 5.57 -2.94
N GLY A 121 -9.38 6.18 -2.20
CA GLY A 121 -9.04 7.57 -2.41
C GLY A 121 -8.34 7.81 -3.74
N LEU A 122 -7.44 6.90 -4.13
CA LEU A 122 -6.81 7.00 -5.43
C LEU A 122 -7.85 7.03 -6.54
N MET A 123 -8.83 6.13 -6.50
CA MET A 123 -9.85 6.12 -7.54
C MET A 123 -10.68 7.40 -7.52
N ALA A 124 -10.97 7.93 -6.33
CA ALA A 124 -11.72 9.19 -6.26
C ALA A 124 -10.93 10.32 -6.92
N ALA A 125 -9.61 10.34 -6.72
CA ALA A 125 -8.78 11.36 -7.32
C ALA A 125 -8.67 11.16 -8.83
N VAL A 126 -8.47 9.92 -9.26
CA VAL A 126 -8.37 9.61 -10.68
C VAL A 126 -9.64 10.01 -11.41
N GLU A 127 -10.79 9.67 -10.83
CA GLU A 127 -12.06 9.93 -11.49
C GLU A 127 -12.46 11.40 -11.38
N TRP A 128 -12.02 12.09 -10.32
CA TRP A 128 -12.13 13.54 -10.29
C TRP A 128 -11.43 14.16 -11.50
N ILE A 129 -10.20 13.73 -11.77
CA ILE A 129 -9.49 14.25 -12.94
C ILE A 129 -10.17 13.78 -14.23
N ALA A 130 -10.50 12.49 -14.32
CA ALA A 130 -11.00 11.93 -15.58
C ALA A 130 -12.39 12.46 -15.93
N SER A 131 -13.17 12.88 -14.94
CA SER A 131 -14.46 13.51 -15.20
C SER A 131 -14.31 14.87 -15.83
N GLY A 132 -13.11 15.45 -15.79
CA GLY A 132 -12.86 16.80 -16.21
C GLY A 132 -12.79 17.78 -15.07
N ALA A 133 -13.37 17.44 -13.91
CA ALA A 133 -13.40 18.38 -12.81
C ALA A 133 -12.00 18.75 -12.35
N GLY A 134 -11.08 17.80 -12.37
CA GLY A 134 -9.70 18.01 -11.97
C GLY A 134 -8.74 18.37 -13.09
N ALA A 135 -9.24 18.61 -14.30
CA ALA A 135 -8.36 19.01 -15.40
C ALA A 135 -7.53 20.23 -15.01
N GLY A 136 -6.23 20.16 -15.28
CA GLY A 136 -5.33 21.23 -14.95
C GLY A 136 -4.78 21.21 -13.54
N LYS A 137 -5.22 20.28 -12.70
CA LYS A 137 -4.80 20.20 -11.31
C LYS A 137 -4.28 18.80 -11.01
N VAL A 138 -3.76 18.63 -9.80
CA VAL A 138 -3.27 17.34 -9.34
C VAL A 138 -3.94 17.01 -8.01
N ALA A 139 -3.84 15.74 -7.64
CA ALA A 139 -4.25 15.30 -6.31
C ALA A 139 -3.07 14.64 -5.63
N VAL A 140 -3.07 14.71 -4.30
CA VAL A 140 -2.13 13.94 -3.49
C VAL A 140 -2.97 13.00 -2.64
N VAL A 141 -2.70 11.71 -2.78
CA VAL A 141 -3.37 10.67 -2.00
C VAL A 141 -2.30 9.98 -1.16
N VAL A 142 -2.46 10.02 0.15
CA VAL A 142 -1.47 9.49 1.07
C VAL A 142 -2.07 8.27 1.77
N CYS A 143 -1.35 7.16 1.71
CA CYS A 143 -1.70 5.95 2.42
C CYS A 143 -0.81 5.91 3.66
N SER A 144 -1.40 6.00 4.85
CA SER A 144 -0.60 6.09 6.07
C SER A 144 -1.21 5.20 7.14
N ASP A 145 -0.39 4.36 7.79
CA ASP A 145 -0.93 3.42 8.75
C ASP A 145 0.19 2.91 9.64
N ILE A 146 -0.21 2.46 10.84
CA ILE A 146 0.65 1.73 11.76
C ILE A 146 -0.09 0.45 12.11
N ALA A 147 0.51 -0.70 11.75
CA ALA A 147 -0.12 -1.99 11.95
C ALA A 147 0.32 -2.57 13.27
N ARG A 148 -0.62 -2.75 14.18
CA ARG A 148 -0.35 -3.17 15.54
C ARG A 148 -1.29 -4.31 15.91
N TYR A 149 -0.72 -5.47 16.20
CA TYR A 149 -1.47 -6.63 16.67
C TYR A 149 -1.28 -6.93 18.14
N GLY A 150 -0.11 -6.61 18.69
CA GLY A 150 0.13 -6.79 20.11
C GLY A 150 1.22 -7.79 20.40
N LEU A 151 1.85 -7.63 21.55
CA LEU A 151 2.87 -8.57 21.98
C LEU A 151 2.26 -9.97 22.12
N ASN A 152 3.01 -10.98 21.63
CA ASN A 152 2.64 -12.38 21.80
C ASN A 152 1.35 -12.75 21.08
N THR A 153 1.03 -12.08 19.98
CA THR A 153 -0.10 -12.42 19.13
C THR A 153 0.38 -13.04 17.82
N ALA A 154 -0.51 -13.78 17.16
CA ALA A 154 -0.16 -14.40 15.89
C ALA A 154 0.14 -13.37 14.82
N GLY A 155 -0.51 -12.21 14.88
CA GLY A 155 -0.25 -11.17 13.91
C GLY A 155 1.01 -10.37 14.14
N GLU A 156 1.62 -10.48 15.32
CA GLU A 156 2.75 -9.63 15.67
C GLU A 156 3.86 -9.60 14.63
N PRO A 157 4.33 -10.72 14.07
CA PRO A 157 5.42 -10.64 13.08
C PRO A 157 5.04 -10.02 11.76
N THR A 158 3.77 -9.64 11.54
CA THR A 158 3.36 -8.96 10.32
C THR A 158 3.14 -7.47 10.55
N GLN A 159 3.50 -6.95 11.72
CA GLN A 159 3.36 -5.53 12.00
C GLN A 159 4.28 -4.70 11.11
N GLY A 160 4.03 -3.40 11.12
CA GLY A 160 4.81 -2.46 10.34
C GLY A 160 4.17 -1.09 10.44
N GLY A 161 4.74 -0.15 9.70
CA GLY A 161 4.22 1.21 9.71
C GLY A 161 4.95 2.06 8.69
N GLY A 162 4.28 3.12 8.27
CA GLY A 162 4.83 4.02 7.28
C GLY A 162 3.74 4.69 6.48
N ALA A 163 4.15 5.36 5.41
CA ALA A 163 3.21 6.03 4.53
C ALA A 163 3.80 6.11 3.11
N VAL A 164 2.90 6.06 2.13
CA VAL A 164 3.22 6.29 0.73
C VAL A 164 2.32 7.41 0.24
N ALA A 165 2.92 8.46 -0.30
CA ALA A 165 2.18 9.57 -0.88
C ALA A 165 2.20 9.45 -2.40
N LEU A 166 1.03 9.49 -3.02
CA LEU A 166 0.87 9.35 -4.47
C LEU A 166 0.50 10.70 -5.07
N LEU A 167 1.20 11.09 -6.13
CA LEU A 167 0.82 12.22 -6.96
C LEU A 167 -0.03 11.71 -8.11
N VAL A 168 -1.23 12.28 -8.25
CA VAL A 168 -2.21 11.84 -9.23
C VAL A 168 -2.48 13.00 -10.19
N SER A 169 -2.42 12.74 -11.49
CA SER A 169 -2.53 13.84 -12.44
C SER A 169 -2.85 13.32 -13.84
N GLU A 170 -2.99 14.27 -14.77
CA GLU A 170 -3.07 14.01 -16.21
C GLU A 170 -1.72 13.66 -16.81
N GLN A 171 -0.65 13.67 -16.03
CA GLN A 171 0.69 13.31 -16.48
CA GLN A 171 0.69 13.31 -16.48
C GLN A 171 1.15 12.10 -15.67
N PRO A 172 0.49 10.92 -15.86
CA PRO A 172 0.75 9.75 -15.00
C PRO A 172 2.01 8.97 -15.38
N ASP A 173 3.15 9.57 -15.04
CA ASP A 173 4.43 9.01 -15.47
C ASP A 173 4.69 7.62 -14.90
N LEU A 174 4.19 7.32 -13.70
CA LEU A 174 4.38 5.97 -13.16
C LEU A 174 3.36 5.00 -13.73
N LEU A 175 2.08 5.37 -13.74
CA LEU A 175 1.03 4.43 -14.10
C LEU A 175 -0.16 5.17 -14.69
N ALA A 176 -0.34 5.03 -16.00
CA ALA A 176 -1.50 5.57 -16.71
C ALA A 176 -2.60 4.55 -16.58
N MET A 177 -3.58 4.83 -15.74
CA MET A 177 -4.55 3.84 -15.33
C MET A 177 -5.64 3.69 -16.38
N ASP A 178 -6.10 2.45 -16.55
CA ASP A 178 -7.19 2.13 -17.47
C ASP A 178 -8.51 2.43 -16.79
N VAL A 179 -9.00 3.66 -17.00
CA VAL A 179 -10.22 4.11 -16.35
C VAL A 179 -11.40 3.25 -16.78
N GLY A 180 -12.22 2.86 -15.81
CA GLY A 180 -13.45 2.15 -16.10
C GLY A 180 -13.32 0.65 -16.22
N LEU A 181 -12.11 0.09 -16.19
CA LEU A 181 -11.92 -1.35 -16.33
C LEU A 181 -11.80 -2.07 -15.00
N ASN A 182 -11.88 -1.37 -13.88
CA ASN A 182 -11.66 -2.00 -12.60
C ASN A 182 -12.65 -3.13 -12.35
N GLY A 183 -12.16 -4.18 -11.70
CA GLY A 183 -13.02 -5.21 -11.13
C GLY A 183 -13.08 -5.03 -9.63
N VAL A 184 -14.23 -5.31 -9.03
CA VAL A 184 -14.40 -5.09 -7.60
C VAL A 184 -15.24 -6.22 -7.00
N CYS A 185 -14.92 -6.57 -5.76
CA CYS A 185 -15.65 -7.60 -5.04
C CYS A 185 -15.61 -7.29 -3.55
N SER A 186 -16.78 -7.12 -2.94
CA SER A 186 -16.88 -6.74 -1.55
C SER A 186 -18.00 -7.50 -0.87
N MET A 187 -17.80 -7.80 0.41
CA MET A 187 -18.81 -8.47 1.21
CA MET A 187 -18.79 -8.50 1.21
C MET A 187 -18.51 -8.22 2.68
N ASP A 188 -19.57 -8.21 3.48
CA ASP A 188 -19.53 -7.90 4.91
C ASP A 188 -19.00 -9.10 5.67
N VAL A 189 -17.77 -8.98 6.20
CA VAL A 189 -17.13 -10.05 6.97
C VAL A 189 -16.42 -9.47 8.18
N TYR A 190 -16.16 -10.35 9.14
CA TYR A 190 -15.34 -10.05 10.30
C TYR A 190 -14.07 -10.88 10.25
N ASP A 191 -13.24 -10.61 9.24
CA ASP A 191 -11.95 -11.29 9.18
C ASP A 191 -10.89 -10.55 9.99
N PHE A 192 -10.94 -9.22 9.99
CA PHE A 192 -10.01 -8.35 10.69
C PHE A 192 -10.75 -7.05 10.94
N TRP A 193 -10.63 -6.54 12.16
CA TRP A 193 -11.28 -5.27 12.51
C TRP A 193 -10.61 -4.73 13.77
N ARG A 194 -10.94 -3.48 14.10
CA ARG A 194 -10.33 -2.82 15.26
C ARG A 194 -11.31 -1.84 15.87
N PRO A 195 -12.08 -2.27 16.87
CA PRO A 195 -13.08 -1.38 17.47
C PRO A 195 -12.45 -0.11 18.03
N VAL A 196 -13.28 0.93 18.08
CA VAL A 196 -12.85 2.20 18.69
C VAL A 196 -12.43 1.94 20.11
N GLY A 197 -11.29 2.50 20.50
CA GLY A 197 -10.78 2.28 21.84
C GLY A 197 -9.96 1.02 21.99
N ARG A 198 -9.69 0.29 20.91
CA ARG A 198 -8.76 -0.82 20.93
C ARG A 198 -7.54 -0.43 20.12
N ARG A 199 -6.38 -0.44 20.76
CA ARG A 199 -5.14 -0.09 20.09
C ARG A 199 -4.63 -1.19 19.18
N GLU A 200 -5.00 -2.43 19.43
CA GLU A 200 -4.53 -3.58 18.67
CA GLU A 200 -4.53 -3.57 18.66
C GLU A 200 -5.68 -4.20 17.89
N ALA A 201 -5.36 -4.67 16.68
CA ALA A 201 -6.37 -5.26 15.83
C ALA A 201 -6.84 -6.62 16.35
N LEU A 202 -8.07 -6.96 16.00
CA LEU A 202 -8.62 -8.29 16.16
C LEU A 202 -8.60 -8.98 14.80
N VAL A 203 -8.27 -10.26 14.78
CA VAL A 203 -8.13 -10.94 13.50
C VAL A 203 -8.33 -12.43 13.67
N ASP A 204 -9.01 -13.02 12.70
CA ASP A 204 -9.10 -14.46 12.50
C ASP A 204 -8.17 -14.75 11.32
N GLY A 205 -6.92 -15.09 11.64
CA GLY A 205 -5.86 -14.99 10.64
C GLY A 205 -6.08 -15.85 9.40
N HIS A 206 -6.34 -17.14 9.59
CA HIS A 206 -6.46 -17.98 8.41
CA HIS A 206 -6.48 -18.00 8.42
C HIS A 206 -7.76 -17.69 7.66
N TYR A 207 -8.82 -17.33 8.36
CA TYR A 207 -10.03 -16.88 7.67
C TYR A 207 -9.76 -15.62 6.84
N SER A 208 -8.92 -14.72 7.36
CA SER A 208 -8.63 -13.49 6.62
C SER A 208 -7.91 -13.79 5.32
N ILE A 209 -7.07 -14.84 5.30
CA ILE A 209 -6.42 -15.24 4.06
C ILE A 209 -7.44 -15.77 3.06
N THR A 210 -8.40 -16.58 3.53
CA THR A 210 -9.45 -17.07 2.65
C THR A 210 -10.27 -15.91 2.08
N CYS A 211 -10.59 -14.92 2.92
CA CYS A 211 -11.36 -13.78 2.45
C CYS A 211 -10.59 -12.98 1.41
N TYR A 212 -9.30 -12.74 1.65
CA TYR A 212 -8.46 -12.06 0.68
C TYR A 212 -8.54 -12.77 -0.67
N LEU A 213 -8.33 -14.09 -0.68
CA LEU A 213 -8.31 -14.83 -1.94
C LEU A 213 -9.68 -14.87 -2.61
N GLU A 214 -10.75 -14.98 -1.82
CA GLU A 214 -12.10 -14.94 -2.38
C GLU A 214 -12.38 -13.60 -3.04
N ALA A 215 -12.09 -12.50 -2.34
CA ALA A 215 -12.35 -11.18 -2.91
C ALA A 215 -11.44 -10.91 -4.10
N LEU A 216 -10.17 -11.33 -4.02
CA LEU A 216 -9.27 -11.22 -5.16
C LEU A 216 -9.86 -11.89 -6.38
N SER A 217 -10.42 -13.09 -6.21
CA SER A 217 -10.94 -13.83 -7.34
C SER A 217 -12.06 -13.07 -8.02
N GLY A 218 -12.99 -12.51 -7.23
CA GLY A 218 -14.06 -11.74 -7.82
C GLY A 218 -13.58 -10.48 -8.51
N ALA A 219 -12.67 -9.74 -7.86
CA ALA A 219 -12.17 -8.50 -8.44
C ALA A 219 -11.39 -8.76 -9.71
N TYR A 220 -10.50 -9.74 -9.70
CA TYR A 220 -9.72 -10.06 -10.90
C TYR A 220 -10.63 -10.49 -12.04
N ARG A 221 -11.61 -11.35 -11.76
CA ARG A 221 -12.52 -11.79 -12.81
C ARG A 221 -13.28 -10.61 -13.41
N GLY A 222 -13.70 -9.66 -12.57
CA GLY A 222 -14.40 -8.49 -13.07
C GLY A 222 -13.54 -7.64 -13.98
N TRP A 223 -12.29 -7.41 -13.59
CA TRP A 223 -11.37 -6.70 -14.46
C TRP A 223 -11.14 -7.46 -15.77
N ARG A 224 -10.90 -8.76 -15.67
CA ARG A 224 -10.58 -9.55 -16.85
C ARG A 224 -11.69 -9.46 -17.89
N GLU A 225 -12.95 -9.52 -17.47
CA GLU A 225 -14.05 -9.41 -18.43
C GLU A 225 -14.00 -8.08 -19.17
N LYS A 226 -13.73 -7.00 -18.45
CA LYS A 226 -13.67 -5.68 -19.07
CA LYS A 226 -13.67 -5.69 -19.08
C LYS A 226 -12.44 -5.54 -19.95
N ALA A 227 -11.30 -6.10 -19.51
CA ALA A 227 -10.09 -6.05 -20.31
C ALA A 227 -10.24 -6.86 -21.59
N LEU A 228 -10.92 -8.00 -21.52
CA LEU A 228 -11.22 -8.77 -22.73
C LEU A 228 -12.03 -7.94 -23.70
N ALA A 229 -13.09 -7.27 -23.21
CA ALA A 229 -13.95 -6.49 -24.08
C ALA A 229 -13.26 -5.24 -24.62
N ALA A 230 -12.26 -4.74 -23.91
CA ALA A 230 -11.48 -3.60 -24.40
C ALA A 230 -10.32 -4.00 -25.29
N GLY A 231 -10.14 -5.30 -25.53
CA GLY A 231 -9.06 -5.80 -26.36
C GLY A 231 -7.68 -5.76 -25.75
N LEU A 232 -7.56 -5.60 -24.43
CA LEU A 232 -6.26 -5.48 -23.80
C LEU A 232 -5.61 -6.84 -23.54
N VAL A 233 -6.42 -7.87 -23.33
CA VAL A 233 -5.95 -9.24 -23.16
C VAL A 233 -6.86 -10.13 -23.97
N ARG A 234 -6.39 -11.34 -24.25
CA ARG A 234 -7.15 -12.36 -24.98
C ARG A 234 -6.97 -13.71 -24.31
N TRP A 235 -7.93 -14.59 -24.55
CA TRP A 235 -7.71 -16.01 -24.28
C TRP A 235 -6.91 -16.56 -25.46
N SER A 236 -5.64 -16.87 -25.23
CA SER A 236 -4.76 -17.29 -26.30
C SER A 236 -3.93 -18.45 -25.77
N ASP A 237 -2.79 -18.72 -26.40
CA ASP A 237 -1.85 -19.67 -25.81
C ASP A 237 -1.35 -19.17 -24.46
N ALA A 238 -1.43 -17.86 -24.23
CA ALA A 238 -1.13 -17.28 -22.93
C ALA A 238 -2.42 -17.03 -22.17
N LEU A 239 -2.41 -17.36 -20.89
CA LEU A 239 -3.55 -17.01 -20.04
C LEU A 239 -3.72 -15.49 -20.02
N PRO A 240 -4.96 -15.00 -19.85
CA PRO A 240 -5.15 -13.54 -19.80
C PRO A 240 -4.23 -12.83 -18.82
N GLY A 241 -4.12 -13.35 -17.60
CA GLY A 241 -3.29 -12.72 -16.58
C GLY A 241 -1.80 -12.76 -16.89
N GLU A 242 -1.37 -13.71 -17.73
CA GLU A 242 0.04 -13.77 -18.13
C GLU A 242 0.41 -12.64 -19.06
N GLN A 243 -0.58 -11.96 -19.64
CA GLN A 243 -0.30 -10.87 -20.58
C GLN A 243 -0.02 -9.56 -19.87
N LEU A 244 -0.26 -9.49 -18.56
CA LEU A 244 0.23 -8.39 -17.75
C LEU A 244 1.72 -8.58 -17.50
N ALA A 245 2.50 -7.51 -17.68
CA ALA A 245 3.94 -7.67 -17.51
C ALA A 245 4.29 -8.00 -16.07
N ARG A 246 3.59 -7.37 -15.14
CA ARG A 246 3.77 -7.57 -13.71
C ARG A 246 2.41 -7.48 -13.04
N ILE A 247 2.29 -8.08 -11.86
CA ILE A 247 1.12 -7.90 -11.01
C ILE A 247 1.61 -7.62 -9.60
N ALA A 248 1.12 -6.53 -9.02
CA ALA A 248 1.40 -6.18 -7.64
C ALA A 248 0.17 -6.43 -6.80
N TYR A 249 0.38 -6.95 -5.58
CA TYR A 249 -0.69 -7.32 -4.68
C TYR A 249 -0.52 -6.61 -3.35
N HIS A 250 -1.63 -6.38 -2.67
CA HIS A 250 -1.57 -6.03 -1.26
C HIS A 250 -0.71 -7.04 -0.51
N VAL A 251 0.25 -6.54 0.27
CA VAL A 251 1.23 -7.39 0.95
C VAL A 251 1.05 -7.27 2.46
N PRO A 252 0.24 -8.11 3.09
CA PRO A 252 0.22 -8.16 4.56
C PRO A 252 1.46 -8.81 5.13
N PHE A 253 2.01 -9.77 4.39
CA PHE A 253 3.29 -10.41 4.61
C PHE A 253 3.72 -10.92 3.25
N CYS A 254 5.02 -11.07 3.03
CA CYS A 254 5.53 -11.21 1.68
C CYS A 254 5.06 -12.50 1.02
N LYS A 255 4.96 -13.60 1.78
CA LYS A 255 4.49 -14.86 1.21
CA LYS A 255 4.51 -14.84 1.18
C LYS A 255 3.05 -14.78 0.75
N MET A 256 2.29 -13.80 1.21
CA MET A 256 0.91 -13.66 0.73
C MET A 256 0.87 -13.36 -0.76
N ALA A 257 1.91 -12.72 -1.30
CA ALA A 257 1.89 -12.40 -2.73
C ALA A 257 1.93 -13.66 -3.57
N ARG A 258 2.66 -14.69 -3.13
CA ARG A 258 2.68 -15.94 -3.87
C ARG A 258 1.33 -16.64 -3.80
N LYS A 259 0.68 -16.63 -2.63
CA LYS A 259 -0.66 -17.19 -2.51
C LYS A 259 -1.63 -16.48 -3.46
N ALA A 260 -1.54 -15.15 -3.49
CA ALA A 260 -2.43 -14.34 -4.31
C ALA A 260 -2.21 -14.63 -5.80
N HIS A 261 -0.94 -14.68 -6.22
CA HIS A 261 -0.65 -14.92 -7.63
C HIS A 261 -1.13 -16.30 -8.07
N THR A 262 -0.91 -17.31 -7.22
CA THR A 262 -1.42 -18.64 -7.52
C THR A 262 -2.94 -18.60 -7.69
N GLN A 263 -3.63 -17.88 -6.80
CA GLN A 263 -5.09 -17.81 -6.90
C GLN A 263 -5.52 -17.11 -8.17
N LEU A 264 -4.87 -16.01 -8.54
CA LEU A 264 -5.22 -15.31 -9.76
C LEU A 264 -5.06 -16.22 -10.97
N ARG A 265 -3.95 -16.96 -11.05
CA ARG A 265 -3.74 -17.88 -12.15
C ARG A 265 -4.78 -19.00 -12.16
N LEU A 266 -5.15 -19.49 -10.97
CA LEU A 266 -6.22 -20.48 -10.89
C LEU A 266 -7.52 -19.94 -11.45
N CYS A 267 -7.81 -18.65 -11.29
CA CYS A 267 -9.02 -18.09 -11.86
C CYS A 267 -9.02 -18.25 -13.38
N ASP A 268 -7.88 -17.98 -14.02
CA ASP A 268 -7.82 -18.18 -15.46
C ASP A 268 -7.98 -19.66 -15.82
N LEU A 269 -7.33 -20.53 -15.06
CA LEU A 269 -7.33 -21.95 -15.40
C LEU A 269 -8.69 -22.59 -15.18
N GLU A 270 -9.43 -22.14 -14.15
CA GLU A 270 -10.77 -22.66 -13.90
C GLU A 270 -11.78 -22.12 -14.90
N ASP A 271 -11.51 -20.94 -15.47
CA ASP A 271 -12.49 -20.25 -16.30
C ASP A 271 -12.27 -20.46 -17.80
N ALA A 272 -11.14 -21.04 -18.18
CA ALA A 272 -10.86 -21.27 -19.59
C ALA A 272 -11.98 -22.11 -20.20
N ALA A 273 -12.30 -21.81 -21.47
CA ALA A 273 -13.38 -22.54 -22.13
C ALA A 273 -13.13 -24.05 -22.11
N ASP A 274 -11.87 -24.48 -22.04
CA ASP A 274 -11.52 -25.90 -22.04
C ASP A 274 -11.09 -26.39 -20.66
N ALA A 275 -11.58 -25.75 -19.59
CA ALA A 275 -11.20 -26.17 -18.24
C ALA A 275 -11.63 -27.60 -17.93
N ALA A 276 -12.66 -28.11 -18.59
CA ALA A 276 -13.13 -29.46 -18.28
C ALA A 276 -12.06 -30.51 -18.56
N ALA A 277 -11.06 -30.18 -19.36
CA ALA A 277 -9.96 -31.11 -19.65
C ALA A 277 -8.93 -31.17 -18.54
N SER A 278 -9.06 -30.36 -17.50
CA SER A 278 -8.06 -30.27 -16.44
C SER A 278 -8.59 -30.88 -15.16
N THR A 279 -7.68 -31.07 -14.21
CA THR A 279 -7.96 -31.56 -12.88
C THR A 279 -7.52 -30.53 -11.84
N PRO A 280 -8.00 -30.63 -10.60
CA PRO A 280 -7.45 -29.73 -9.57
C PRO A 280 -5.96 -29.83 -9.46
N GLU A 281 -5.41 -31.04 -9.61
CA GLU A 281 -3.97 -31.23 -9.49
C GLU A 281 -3.22 -30.56 -10.63
N SER A 282 -3.69 -30.73 -11.87
CA SER A 282 -2.98 -30.13 -12.99
C SER A 282 -3.13 -28.61 -12.97
N ARG A 283 -4.29 -28.10 -12.57
CA ARG A 283 -4.46 -26.65 -12.48
C ARG A 283 -3.57 -26.06 -11.40
N GLU A 284 -3.50 -26.69 -10.23
CA GLU A 284 -2.67 -26.16 -9.15
CA GLU A 284 -2.68 -26.15 -9.15
C GLU A 284 -1.21 -26.14 -9.53
N ALA A 285 -0.74 -27.20 -10.19
CA ALA A 285 0.66 -27.25 -10.58
C ALA A 285 1.00 -26.14 -11.58
N GLN A 286 0.09 -25.89 -12.52
CA GLN A 286 0.32 -24.79 -13.46
C GLN A 286 0.21 -23.44 -12.76
N ALA A 287 -0.81 -23.28 -11.90
CA ALA A 287 -1.05 -22.01 -11.22
C ALA A 287 0.14 -21.61 -10.37
N LYS A 288 0.77 -22.58 -9.71
CA LYS A 288 1.88 -22.30 -8.80
C LYS A 288 3.20 -22.06 -9.53
N SER A 289 3.19 -22.03 -10.86
CA SER A 289 4.40 -21.84 -11.66
C SER A 289 5.40 -20.88 -11.03
N ALA A 290 6.59 -21.40 -10.70
CA ALA A 290 7.65 -20.53 -10.21
C ALA A 290 8.07 -19.53 -11.27
N ALA A 291 8.06 -19.93 -12.54
CA ALA A 291 8.47 -19.01 -13.61
C ALA A 291 7.53 -17.80 -13.67
N SER A 292 6.22 -18.03 -13.52
CA SER A 292 5.29 -16.91 -13.58
C SER A 292 5.45 -15.99 -12.40
N TYR A 293 5.53 -16.55 -11.19
CA TYR A 293 5.76 -15.73 -10.01
C TYR A 293 7.05 -14.93 -10.13
N ASP A 294 8.12 -15.57 -10.59
CA ASP A 294 9.40 -14.88 -10.73
C ASP A 294 9.30 -13.74 -11.74
N ALA A 295 8.57 -13.96 -12.84
CA ALA A 295 8.50 -12.98 -13.91
C ALA A 295 7.57 -11.82 -13.58
N GLN A 296 6.49 -12.09 -12.84
CA GLN A 296 5.44 -11.10 -12.65
C GLN A 296 5.39 -10.46 -11.27
N VAL A 297 5.93 -11.11 -10.23
CA VAL A 297 5.63 -10.69 -8.87
C VAL A 297 6.86 -10.51 -7.99
N ALA A 298 7.89 -11.35 -8.17
CA ALA A 298 8.92 -11.49 -7.14
C ALA A 298 9.61 -10.17 -6.82
N THR A 299 9.88 -9.35 -7.83
CA THR A 299 10.67 -8.15 -7.61
C THR A 299 9.86 -7.01 -6.98
N SER A 300 8.61 -7.26 -6.59
CA SER A 300 7.76 -6.23 -5.98
C SER A 300 7.85 -6.20 -4.47
N LEU A 301 8.64 -7.06 -3.84
CA LEU A 301 8.58 -7.27 -2.41
C LEU A 301 9.80 -6.75 -1.65
N GLY A 302 10.73 -6.07 -2.34
CA GLY A 302 11.97 -5.66 -1.69
C GLY A 302 11.77 -4.69 -0.55
N LEU A 303 10.90 -3.69 -0.72
CA LEU A 303 10.63 -2.76 0.36
C LEU A 303 9.74 -3.36 1.43
N ASN A 304 8.68 -4.07 1.01
CA ASN A 304 7.75 -4.66 1.97
C ASN A 304 8.46 -5.55 2.97
N SER A 305 9.42 -6.36 2.51
CA SER A 305 10.11 -7.31 3.37
C SER A 305 10.93 -6.63 4.47
N ARG A 306 11.22 -5.34 4.31
CA ARG A 306 12.03 -4.59 5.26
C ARG A 306 11.20 -3.66 6.12
N ILE A 307 9.89 -3.63 5.95
CA ILE A 307 9.01 -2.70 6.63
C ILE A 307 7.91 -3.43 7.39
N GLY A 308 7.25 -4.38 6.75
CA GLY A 308 6.09 -5.05 7.32
C GLY A 308 4.80 -4.55 6.66
N ASN A 309 3.68 -4.97 7.26
CA ASN A 309 2.39 -4.52 6.77
C ASN A 309 2.21 -3.05 7.09
N VAL A 310 1.86 -2.26 6.08
CA VAL A 310 1.56 -0.84 6.27
CA VAL A 310 1.56 -0.84 6.27
C VAL A 310 0.13 -0.59 5.81
N TYR A 311 -0.71 -1.63 5.92
CA TYR A 311 -2.13 -1.59 5.63
C TYR A 311 -2.42 -0.88 4.30
N THR A 312 -3.02 0.32 4.30
CA THR A 312 -3.40 0.97 3.05
C THR A 312 -2.21 1.16 2.11
N ALA A 313 -0.99 1.26 2.64
CA ALA A 313 0.18 1.54 1.81
C ALA A 313 0.87 0.30 1.27
N SER A 314 0.49 -0.90 1.70
CA SER A 314 1.28 -2.09 1.36
C SER A 314 1.33 -2.33 -0.14
N LEU A 315 0.18 -2.22 -0.83
CA LEU A 315 0.16 -2.39 -2.28
C LEU A 315 1.04 -1.36 -2.96
N TYR A 316 1.03 -0.13 -2.46
CA TYR A 316 1.78 0.94 -3.11
C TYR A 316 3.27 0.86 -2.78
N LEU A 317 3.64 0.27 -1.65
CA LEU A 317 5.04 -0.07 -1.41
CA LEU A 317 5.03 -0.07 -1.40
C LEU A 317 5.51 -1.16 -2.36
N ALA A 318 4.62 -2.07 -2.74
CA ALA A 318 4.96 -3.09 -3.72
C ALA A 318 5.11 -2.49 -5.10
N LEU A 319 4.20 -1.59 -5.48
CA LEU A 319 4.37 -0.83 -6.70
C LEU A 319 5.70 -0.08 -6.69
N ALA A 320 6.03 0.56 -5.56
CA ALA A 320 7.26 1.33 -5.46
C ALA A 320 8.48 0.44 -5.68
N GLY A 321 8.50 -0.72 -5.01
CA GLY A 321 9.65 -1.61 -5.15
C GLY A 321 9.81 -2.14 -6.56
N LEU A 322 8.69 -2.48 -7.21
CA LEU A 322 8.74 -2.89 -8.61
C LEU A 322 9.36 -1.82 -9.48
N LEU A 323 8.79 -0.60 -9.44
CA LEU A 323 9.26 0.44 -10.33
C LEU A 323 10.63 0.98 -9.93
N GLN A 324 11.02 0.80 -8.67
CA GLN A 324 12.32 1.31 -8.22
C GLN A 324 13.43 0.80 -9.10
N HIS A 325 13.34 -0.45 -9.53
CA HIS A 325 14.39 -1.09 -10.31
C HIS A 325 14.02 -1.35 -11.76
N GLU A 326 12.74 -1.41 -12.12
CA GLU A 326 12.34 -1.88 -13.45
C GLU A 326 11.51 -0.86 -14.23
N ALA A 327 11.43 0.39 -13.78
CA ALA A 327 10.57 1.36 -14.45
C ALA A 327 10.94 1.53 -15.93
N GLY A 328 12.22 1.61 -16.26
CA GLY A 328 12.60 1.80 -17.65
C GLY A 328 12.21 0.62 -18.52
N ALA A 329 12.47 -0.60 -18.02
CA ALA A 329 12.09 -1.80 -18.76
C ALA A 329 10.59 -1.92 -18.92
N LEU A 330 9.82 -1.42 -17.94
CA LEU A 330 8.37 -1.54 -17.97
C LEU A 330 7.68 -0.44 -18.75
N ALA A 331 8.40 0.61 -19.15
CA ALA A 331 7.75 1.71 -19.87
C ALA A 331 7.01 1.16 -21.08
N GLY A 332 5.77 1.59 -21.24
CA GLY A 332 4.92 1.14 -22.33
C GLY A 332 4.23 -0.18 -22.09
N GLN A 333 4.50 -0.86 -20.98
CA GLN A 333 3.88 -2.14 -20.68
C GLN A 333 2.77 -1.98 -19.65
N ARG A 334 1.75 -2.83 -19.76
CA ARG A 334 0.62 -2.80 -18.85
C ARG A 334 0.86 -3.75 -17.69
N ILE A 335 0.55 -3.28 -16.48
CA ILE A 335 0.67 -4.07 -15.27
C ILE A 335 -0.66 -4.07 -14.54
N GLY A 336 -0.82 -5.04 -13.64
CA GLY A 336 -2.03 -5.18 -12.84
C GLY A 336 -1.75 -4.93 -11.36
N LEU A 337 -2.78 -4.47 -10.66
CA LEU A 337 -2.70 -4.19 -9.23
C LEU A 337 -3.94 -4.71 -8.53
N LEU A 338 -3.73 -5.42 -7.42
CA LEU A 338 -4.82 -5.96 -6.61
C LEU A 338 -4.76 -5.32 -5.23
N SER A 339 -5.80 -4.56 -4.89
CA SER A 339 -5.96 -3.99 -3.56
C SER A 339 -6.97 -4.81 -2.78
N TYR A 340 -6.65 -5.10 -1.52
CA TYR A 340 -7.57 -5.77 -0.61
C TYR A 340 -7.62 -5.02 0.71
N GLY A 341 -8.80 -4.94 1.28
CA GLY A 341 -8.96 -4.53 2.67
C GLY A 341 -9.91 -5.47 3.38
N SER A 342 -9.55 -5.84 4.60
CA SER A 342 -10.44 -6.66 5.41
C SER A 342 -11.73 -5.92 5.68
N GLY A 343 -12.82 -6.67 5.85
CA GLY A 343 -14.11 -6.05 6.10
C GLY A 343 -15.31 -6.37 5.23
N CYS A 344 -15.17 -6.59 3.91
CA CYS A 344 -13.94 -6.55 3.14
C CYS A 344 -14.26 -6.00 1.75
N ALA A 345 -13.21 -5.64 1.01
CA ALA A 345 -13.34 -5.24 -0.39
C ALA A 345 -12.01 -5.47 -1.09
N ALA A 346 -12.10 -5.89 -2.34
CA ALA A 346 -10.96 -5.97 -3.22
C ALA A 346 -11.26 -5.25 -4.53
N GLU A 347 -10.23 -4.66 -5.12
CA GLU A 347 -10.36 -4.02 -6.42
C GLU A 347 -9.12 -4.36 -7.21
N PHE A 348 -9.31 -4.79 -8.46
CA PHE A 348 -8.22 -5.11 -9.37
C PHE A 348 -8.27 -4.12 -10.51
N TYR A 349 -7.13 -3.53 -10.82
CA TYR A 349 -7.08 -2.52 -11.86
C TYR A 349 -5.75 -2.63 -12.59
N SER A 350 -5.67 -1.93 -13.72
CA SER A 350 -4.48 -2.03 -14.55
C SER A 350 -4.09 -0.64 -15.04
N GLY A 351 -2.86 -0.56 -15.51
CA GLY A 351 -2.36 0.68 -16.09
C GLY A 351 -1.07 0.42 -16.82
N THR A 352 -0.64 1.43 -17.57
CA THR A 352 0.57 1.34 -18.38
C THR A 352 1.66 2.21 -17.76
N VAL A 353 2.84 1.62 -17.58
CA VAL A 353 3.96 2.35 -17.01
C VAL A 353 4.47 3.38 -18.02
N GLY A 354 4.78 4.58 -17.52
CA GLY A 354 5.12 5.69 -18.39
C GLY A 354 6.58 5.72 -18.78
N GLU A 355 6.84 6.45 -19.87
CA GLU A 355 8.20 6.63 -20.36
C GLU A 355 9.11 7.26 -19.32
N LYS A 356 8.56 8.19 -18.53
CA LYS A 356 9.36 8.92 -17.54
C LYS A 356 9.28 8.29 -16.15
N ALA A 357 8.75 7.07 -16.03
CA ALA A 357 8.63 6.45 -14.72
C ALA A 357 9.99 6.35 -14.04
N ALA A 358 11.02 5.96 -14.78
CA ALA A 358 12.35 5.82 -14.18
C ALA A 358 12.83 7.15 -13.59
N GLU A 359 12.60 8.26 -14.30
CA GLU A 359 12.94 9.58 -13.79
C GLU A 359 12.26 9.85 -12.46
N ARG A 360 10.94 9.59 -12.40
CA ARG A 360 10.20 9.92 -11.19
C ARG A 360 10.64 9.04 -10.03
N MET A 361 10.99 7.77 -10.31
CA MET A 361 11.43 6.89 -9.23
C MET A 361 12.82 7.25 -8.75
N ALA A 362 13.69 7.70 -9.67
CA ALA A 362 15.01 8.14 -9.25
C ALA A 362 14.89 9.29 -8.25
N LYS A 363 13.93 10.19 -8.47
CA LYS A 363 13.77 11.32 -7.56
C LYS A 363 13.18 10.91 -6.23
N ALA A 364 12.54 9.75 -6.15
CA ALA A 364 12.01 9.27 -4.87
C ALA A 364 13.10 8.76 -3.94
N ASP A 365 14.28 8.42 -4.47
CA ASP A 365 15.48 8.14 -3.67
C ASP A 365 15.16 7.17 -2.51
N LEU A 366 14.59 6.02 -2.87
CA LEU A 366 14.03 5.15 -1.84
C LEU A 366 15.09 4.44 -1.00
N GLU A 367 16.25 4.12 -1.56
CA GLU A 367 17.25 3.49 -0.69
C GLU A 367 17.73 4.45 0.38
N ALA A 368 17.75 5.75 0.09
CA ALA A 368 18.10 6.73 1.12
C ALA A 368 17.05 6.76 2.22
N VAL A 369 15.78 6.68 1.84
CA VAL A 369 14.71 6.64 2.83
C VAL A 369 14.93 5.47 3.79
N LEU A 370 15.17 4.28 3.26
CA LEU A 370 15.30 3.11 4.13
C LEU A 370 16.60 3.13 4.92
N ALA A 371 17.63 3.81 4.39
CA ALA A 371 18.94 3.82 5.03
C ALA A 371 18.98 4.68 6.29
N ARG A 372 18.04 5.61 6.46
CA ARG A 372 18.06 6.51 7.62
C ARG A 372 17.62 5.82 8.90
N ARG A 373 17.05 4.63 8.82
CA ARG A 373 16.52 3.95 9.99
C ARG A 373 17.62 3.37 10.86
N GLU A 374 17.27 3.03 12.08
CA GLU A 374 18.17 2.36 13.00
C GLU A 374 17.51 1.13 13.60
N ARG A 375 18.33 0.11 13.84
CA ARG A 375 17.89 -1.13 14.48
C ARG A 375 17.81 -0.95 16.00
N VAL A 376 16.75 -1.51 16.60
CA VAL A 376 16.63 -1.54 18.05
C VAL A 376 16.39 -2.98 18.50
N SER A 377 16.45 -3.17 19.82
CA SER A 377 16.22 -4.46 20.43
C SER A 377 14.74 -4.77 20.51
N ILE A 378 14.41 -6.04 20.72
CA ILE A 378 13.03 -6.41 20.99
C ILE A 378 12.58 -5.79 22.30
N GLU A 379 13.49 -5.76 23.29
CA GLU A 379 13.19 -5.12 24.56
C GLU A 379 12.77 -3.67 24.38
N GLU A 380 13.49 -2.93 23.52
CA GLU A 380 13.16 -1.54 23.28
C GLU A 380 11.86 -1.42 22.49
N TYR A 381 11.66 -2.27 21.47
CA TYR A 381 10.39 -2.29 20.75
C TYR A 381 9.23 -2.50 21.72
N GLU A 382 9.39 -3.40 22.68
CA GLU A 382 8.34 -3.66 23.66
C GLU A 382 8.12 -2.44 24.57
N ARG A 383 9.21 -1.80 25.01
CA ARG A 383 9.05 -0.60 25.82
C ARG A 383 8.28 0.47 25.06
N LEU A 384 8.61 0.68 23.79
CA LEU A 384 7.92 1.69 23.01
C LEU A 384 6.46 1.32 22.77
N MET A 385 6.18 0.03 22.58
CA MET A 385 4.80 -0.43 22.40
C MET A 385 3.95 -0.10 23.63
N LYS A 386 4.53 -0.21 24.82
CA LYS A 386 3.80 0.04 26.05
C LYS A 386 3.58 1.52 26.34
N LEU A 387 4.23 2.41 25.59
CA LEU A 387 4.00 3.83 25.81
C LEU A 387 2.57 4.20 25.39
N PRO A 388 1.88 5.04 26.15
CA PRO A 388 0.57 5.53 25.71
C PRO A 388 0.69 6.39 24.46
N ALA A 389 -0.43 6.50 23.75
CA ALA A 389 -0.45 7.23 22.49
C ALA A 389 -0.10 8.71 22.67
N ASP A 390 -0.24 9.25 23.88
CA ASP A 390 0.04 10.66 24.12
C ASP A 390 1.41 10.89 24.75
N ALA A 391 2.33 9.93 24.60
CA ALA A 391 3.65 10.01 25.22
C ALA A 391 4.75 9.80 24.18
N PRO A 392 4.87 10.70 23.19
CA PRO A 392 5.98 10.61 22.24
C PRO A 392 7.32 10.67 22.95
N GLU A 393 8.30 9.97 22.37
CA GLU A 393 9.68 10.10 22.83
C GLU A 393 10.24 11.47 22.50
N ALA A 394 11.21 11.90 23.32
CA ALA A 394 11.84 13.21 23.16
C ALA A 394 13.00 13.10 22.19
N VAL A 395 12.65 13.07 20.90
CA VAL A 395 13.62 12.98 19.82
C VAL A 395 13.16 13.92 18.71
N ALA A 396 14.12 14.51 18.01
CA ALA A 396 13.75 15.44 16.95
C ALA A 396 13.44 14.69 15.67
N PRO A 397 12.56 15.24 14.82
CA PRO A 397 12.36 14.65 13.50
C PRO A 397 13.58 14.88 12.62
N SER A 398 13.74 14.01 11.63
CA SER A 398 14.76 14.20 10.61
CA SER A 398 14.76 14.20 10.61
C SER A 398 14.39 15.43 9.78
N PRO A 399 15.34 15.95 9.00
CA PRO A 399 15.06 17.17 8.23
C PRO A 399 13.85 17.00 7.32
N GLY A 400 12.92 17.94 7.41
CA GLY A 400 11.73 17.91 6.58
C GLY A 400 10.65 16.96 7.04
N ALA A 401 10.93 16.11 8.02
CA ALA A 401 9.96 15.17 8.55
C ALA A 401 9.24 15.77 9.75
N PHE A 402 8.24 15.03 10.24
CA PHE A 402 7.37 15.49 11.30
C PHE A 402 7.25 14.44 12.40
N ARG A 403 6.99 14.92 13.62
CA ARG A 403 6.66 14.08 14.76
C ARG A 403 5.58 14.74 15.58
N LEU A 404 4.68 13.92 16.13
CA LEU A 404 3.83 14.37 17.23
C LEU A 404 4.71 14.66 18.44
N THR A 405 4.50 15.81 19.08
CA THR A 405 5.28 16.17 20.25
C THR A 405 4.51 16.03 21.55
N GLU A 406 3.21 16.28 21.53
CA GLU A 406 2.40 16.26 22.73
C GLU A 406 0.96 16.46 22.33
N ILE A 407 0.06 16.12 23.23
CA ILE A 407 -1.35 16.48 23.12
C ILE A 407 -1.66 17.39 24.29
N ARG A 408 -2.08 18.61 24.00
CA ARG A 408 -2.33 19.63 25.02
C ARG A 408 -3.74 20.17 24.83
N ASP A 409 -4.54 20.11 25.89
CA ASP A 409 -5.93 20.57 25.83
C ASP A 409 -6.65 19.89 24.66
N HIS A 410 -6.36 18.61 24.47
CA HIS A 410 -6.95 17.76 23.44
C HIS A 410 -6.54 18.16 22.04
N ARG A 411 -5.55 19.02 21.89
CA ARG A 411 -5.06 19.45 20.58
C ARG A 411 -3.70 18.82 20.33
N ARG A 412 -3.54 18.21 19.17
CA ARG A 412 -2.30 17.53 18.83
C ARG A 412 -1.29 18.54 18.31
N GLN A 413 -0.07 18.48 18.86
CA GLN A 413 1.02 19.37 18.48
C GLN A 413 2.09 18.59 17.76
N TYR A 414 2.65 19.18 16.69
CA TYR A 414 3.67 18.54 15.89
C TYR A 414 4.89 19.43 15.77
N ALA A 415 6.02 18.79 15.44
CA ALA A 415 7.27 19.47 15.16
C ALA A 415 7.78 19.03 13.79
N GLU A 416 8.41 19.96 13.08
CA GLU A 416 9.06 19.67 11.82
C GLU A 416 10.57 19.71 12.03
N GLY A 417 11.26 18.70 11.50
CA GLY A 417 12.70 18.62 11.68
C GLY A 417 13.42 19.68 10.86
N ASN A 418 14.48 20.24 11.44
CA ASN A 418 15.31 21.22 10.76
C ASN A 418 16.49 20.54 10.07
N1A CAA B . 10.16 -23.19 8.59
C2A CAA B . 9.61 -22.87 7.39
N3A CAA B . 8.28 -22.56 7.30
C4A CAA B . 7.52 -22.57 8.43
C5A CAA B . 8.05 -22.88 9.59
C6A CAA B . 9.42 -23.20 9.66
N6A CAA B . 10.17 -23.54 10.80
N7A CAA B . 7.11 -22.82 10.55
C8A CAA B . 5.96 -22.47 9.95
N9A CAA B . 6.18 -22.33 8.65
C1B CAA B . 5.25 -21.93 7.61
C2B CAA B . 4.04 -22.53 7.63
O2B CAA B . 4.07 -23.85 6.99
C3B CAA B . 3.22 -21.52 6.81
O3B CAA B . 3.53 -21.63 5.52
P3B CAA B . 2.42 -21.60 4.35
O7A CAA B . 3.15 -21.63 3.03
O8A CAA B . 1.54 -22.83 4.48
O9A CAA B . 1.64 -20.35 4.44
C4B CAA B . 3.76 -20.13 7.33
O4B CAA B . 4.90 -20.38 7.91
C5B CAA B . 2.81 -19.51 8.40
O5B CAA B . 2.52 -20.54 9.29
P1A CAA B . 1.08 -20.43 10.13
O1A CAA B . -0.09 -20.16 9.17
O2A CAA B . 0.89 -21.67 10.99
O3A CAA B . 1.34 -19.10 11.05
P2A CAA B . 0.31 -18.41 12.11
O4A CAA B . -0.96 -19.16 12.21
O5A CAA B . 1.04 -18.31 13.47
O6A CAA B . 0.07 -16.88 11.59
CBP CAA B . -0.86 -15.41 9.96
CCP CAA B . 0.18 -16.56 10.21
CDP CAA B . -2.32 -16.09 9.85
CEP CAA B . -0.46 -14.66 8.65
CAP CAA B . -0.81 -14.44 11.21
OAP CAA B . 0.42 -13.80 11.19
C9P CAA B . -1.89 -13.38 11.18
O9P CAA B . -2.98 -13.57 11.60
N8P CAA B . -1.51 -12.11 10.62
C7P CAA B . -2.44 -11.01 10.56
C6P CAA B . -3.56 -11.30 9.49
C5P CAA B . -2.99 -11.22 8.02
O5P CAA B . -1.96 -10.74 7.76
N4P CAA B . -3.86 -11.75 7.03
C3P CAA B . -3.52 -11.72 5.56
C2P CAA B . -4.88 -11.66 4.82
S1P CAA B . -5.95 -10.27 5.43
C1 CAA B . -5.19 -8.79 4.73
O1 CAA B . -4.36 -8.89 3.91
C2 CAA B . -5.63 -7.45 5.27
C3 CAA B . -4.50 -7.08 6.23
O3 CAA B . -3.61 -6.42 5.86
C4 CAA B . -4.52 -7.68 7.66
H2A CAA B . 10.14 -22.86 6.62
H61A CAA B . 9.83 -23.46 11.59
H62A CAA B . 10.97 -23.84 10.71
H8A CAA B . 5.13 -22.36 10.37
H1B CAA B . 5.65 -22.03 6.73
H2B CAA B . 3.71 -22.58 8.55
HO2A CAA B . 4.08 -24.45 7.58
H3B CAA B . 2.27 -21.62 6.97
H4B CAA B . 3.89 -19.52 6.58
H51A CAA B . 2.00 -19.18 7.99
H52A CAA B . 3.27 -18.79 8.86
H121 CAA B . 1.08 -16.27 10.00
H122 CAA B . -0.04 -17.34 9.66
H131 CAA B . -2.62 -16.37 10.73
H132 CAA B . -2.94 -15.44 9.49
H133 CAA B . -2.28 -16.86 9.26
H141 CAA B . 0.43 -14.30 8.74
H142 CAA B . -0.51 -15.28 7.90
H143 CAA B . -1.09 -13.93 8.50
H10 CAA B . -0.88 -14.96 12.03
HO1 CAA B . 0.65 -13.59 11.98
HN8 CAA B . -0.71 -12.00 10.34
H71 CAA B . -2.85 -10.89 11.43
H72 CAA B . -1.95 -10.21 10.32
H61 CAA B . -3.91 -12.18 9.65
H62 CAA B . -4.26 -10.65 9.60
HN4 CAA B . -4.62 -12.07 7.27
H31 CAA B . -2.99 -10.93 5.35
H32 CAA B . -3.04 -12.52 5.30
H21 CAA B . -4.72 -11.54 3.87
H22 CAA B . -5.35 -12.50 4.96
H2'1 CAA B . -6.47 -7.54 5.74
H2'2 CAA B . -5.69 -6.81 4.55
H4'1 CAA B . -4.38 -8.63 7.61
H4'2 CAA B . -3.81 -7.28 8.18
H4'3 CAA B . -5.37 -7.50 8.07
C1 GOL C . 11.66 -12.08 0.70
O1 GOL C . 10.36 -11.77 1.15
C2 GOL C . 12.40 -10.82 0.28
O2 GOL C . 13.70 -11.14 -0.17
C3 GOL C . 11.62 -10.10 -0.82
O3 GOL C . 12.49 -9.49 -1.75
H11 GOL C . 11.59 -12.76 -0.16
H12 GOL C . 12.22 -12.59 1.47
HO1 GOL C . 9.88 -12.61 1.35
H2 GOL C . 12.46 -10.15 1.15
HO2 GOL C . 13.63 -11.73 -0.95
H31 GOL C . 10.97 -9.35 -0.37
H32 GOL C . 10.98 -10.82 -1.34
HO3 GOL C . 12.15 -9.62 -2.66
C1 GOL D . -1.53 29.72 5.61
O1 GOL D . -0.64 30.68 6.14
C2 GOL D . -0.99 28.31 5.81
O2 GOL D . -0.85 28.04 7.20
C3 GOL D . -1.96 27.32 5.18
O3 GOL D . -1.56 25.99 5.43
H11 GOL D . -1.65 29.91 4.54
H12 GOL D . -2.50 29.81 6.08
HO1 GOL D . -0.98 31.58 5.94
H2 GOL D . -0.03 28.22 5.31
HO2 GOL D . -1.72 28.11 7.64
H31 GOL D . -2.01 27.50 4.11
H32 GOL D . -2.96 27.48 5.60
HO3 GOL D . -1.99 25.40 4.77
C1 GOL E . -9.88 -26.15 -7.32
O1 GOL E . -10.07 -27.24 -8.19
C2 GOL E . -8.41 -25.82 -7.28
O2 GOL E . -7.76 -26.78 -6.47
C3 GOL E . -7.88 -25.87 -8.70
O3 GOL E . -8.78 -25.20 -9.57
H11 GOL E . -10.24 -26.41 -6.32
H12 GOL E . -10.45 -25.29 -7.68
HO1 GOL E . -11.02 -27.51 -8.19
H2 GOL E . -8.27 -24.82 -6.87
HO2 GOL E . -7.92 -27.67 -6.84
H31 GOL E . -7.79 -26.91 -9.01
H32 GOL E . -6.90 -25.41 -8.75
HO3 GOL E . -9.14 -24.41 -9.12
C1 GOL F . 7.04 -23.93 -15.01
O1 GOL F . 8.10 -23.35 -15.74
C2 GOL F . 7.17 -23.55 -13.54
O2 GOL F . 8.35 -22.81 -13.35
C3 GOL F . 7.20 -24.78 -12.63
O3 GOL F . 6.93 -24.38 -11.30
H11 GOL F . 7.06 -25.01 -15.12
H12 GOL F . 6.08 -23.56 -15.40
HO1 GOL F . 8.06 -23.64 -16.67
H2 GOL F . 6.31 -22.94 -13.26
HO2 GOL F . 8.42 -22.53 -12.41
H31 GOL F . 8.17 -25.26 -12.69
H32 GOL F . 6.44 -25.50 -12.97
HO3 GOL F . 6.01 -24.60 -11.07
S SO4 G . 17.09 4.02 -5.34
O1 SO4 G . 15.80 3.92 -4.69
O2 SO4 G . 17.58 2.67 -5.66
O3 SO4 G . 16.97 4.78 -6.58
O4 SO4 G . 18.04 4.67 -4.44
#